data_6WJ4
#
_entry.id   6WJ4
#
_cell.length_a   90.090
_cell.length_b   90.090
_cell.length_c   132.141
_cell.angle_alpha   90.000
_cell.angle_beta   90.000
_cell.angle_gamma   90.000
#
_symmetry.space_group_name_H-M   'I 4 2 2'
#
loop_
_entity.id
_entity.type
_entity.pdbx_description
1 polymer 'Polymerase acidic protein'
2 non-polymer 'MANGANESE (II) ION'
3 non-polymer 5-hydroxy-N-[2-(2-methoxypyridin-4-yl)ethyl]-6-oxo-2-[2-(trifluoromethyl)phenyl]-3,6-dihydropyrimidine-4-carboxamide
4 non-polymer 'Hexa Vinylpyrrolidone K15'
5 non-polymer 'SULFATE ION'
6 water water
#
_entity_poly.entity_id   1
_entity_poly.type   'polypeptide(L)'
_entity_poly.pdbx_seq_one_letter_code
;MGSSHHHHHHSSGLVPRGSHMEDFVRQCFNPMIVELAEKAMKEYGEDPKIETNKFAAICTHLEVCFMYSDGGSKHRFEII
EGRDRIMAWTVVNSICNTTGVEKPKFLPDLYDYKENRFIEIGVTRREVHIYYLEKANKIKSEKTHIHIFSFTGEEMATKA
DYTLDEESRARIKTRLFTIRQEMASRSLWDSFRQSER
;
_entity_poly.pdbx_strand_id   A
#
loop_
_chem_comp.id
_chem_comp.type
_chem_comp.name
_chem_comp.formula
MN non-polymer 'MANGANESE (II) ION' 'Mn 2'
QQ4 non-polymer 'Hexa Vinylpyrrolidone K15' 'C36 H56 N6 O6'
SO4 non-polymer 'SULFATE ION' 'O4 S -2'
U3A non-polymer 5-hydroxy-N-[2-(2-methoxypyridin-4-yl)ethyl]-6-oxo-2-[2-(trifluoromethyl)phenyl]-3,6-dihydropyrimidine-4-carboxamide 'C20 H17 F3 N4 O4'
#
# COMPACT_ATOMS: atom_id res chain seq x y z
N GLY A 18 -0.73 -2.62 -26.39
CA GLY A 18 -0.52 -2.73 -24.96
C GLY A 18 0.73 -3.50 -24.59
N SER A 19 1.11 -3.41 -23.31
CA SER A 19 2.30 -4.10 -22.82
C SER A 19 1.93 -5.46 -22.24
N HIS A 20 2.96 -6.29 -22.02
CA HIS A 20 2.72 -7.64 -21.52
C HIS A 20 2.35 -7.63 -20.04
N MET A 21 2.98 -6.69 -19.34
CA MET A 21 2.84 -6.42 -17.89
C MET A 21 1.42 -5.90 -17.60
N GLU A 22 0.93 -5.03 -18.50
CA GLU A 22 -0.38 -4.40 -18.37
C GLU A 22 -1.47 -5.45 -18.40
N ASP A 23 -1.32 -6.41 -19.34
CA ASP A 23 -2.24 -7.55 -19.55
C ASP A 23 -2.20 -8.46 -18.31
N PHE A 24 -1.02 -8.62 -17.74
CA PHE A 24 -0.87 -9.37 -16.49
C PHE A 24 -1.54 -8.62 -15.34
N VAL A 25 -1.40 -7.29 -15.31
CA VAL A 25 -2.03 -6.49 -14.27
C VAL A 25 -3.55 -6.63 -14.35
N ARG A 26 -4.10 -6.65 -15.57
CA ARG A 26 -5.54 -6.69 -15.73
C ARG A 26 -6.12 -8.08 -15.44
N GLN A 27 -5.27 -9.12 -15.50
CA GLN A 27 -5.75 -10.51 -15.29
C GLN A 27 -5.45 -11.02 -13.86
N CYS A 28 -4.61 -10.31 -13.10
CA CYS A 28 -4.26 -10.75 -11.76
C CYS A 28 -4.97 -9.95 -10.68
N PHE A 29 -5.22 -8.67 -10.91
CA PHE A 29 -5.90 -7.81 -9.96
C PHE A 29 -7.34 -7.58 -10.41
N ASN A 30 -8.27 -7.59 -9.46
CA ASN A 30 -9.68 -7.43 -9.79
C ASN A 30 -9.91 -6.04 -10.39
N PRO A 31 -10.97 -5.88 -11.20
CA PRO A 31 -11.11 -4.64 -11.97
C PRO A 31 -11.21 -3.38 -11.12
N MET A 32 -11.83 -3.46 -9.94
CA MET A 32 -11.99 -2.27 -9.11
C MET A 32 -10.63 -1.74 -8.65
N ILE A 33 -9.71 -2.64 -8.32
CA ILE A 33 -8.37 -2.23 -7.92
C ILE A 33 -7.64 -1.60 -9.10
N VAL A 34 -7.83 -2.15 -10.30
CA VAL A 34 -7.17 -1.61 -11.48
C VAL A 34 -7.70 -0.22 -11.80
N GLU A 35 -9.01 -0.04 -11.74
CA GLU A 35 -9.60 1.27 -12.00
C GLU A 35 -9.08 2.32 -11.02
N LEU A 36 -8.95 1.95 -9.75
CA LEU A 36 -8.40 2.88 -8.77
C LEU A 36 -6.95 3.21 -9.07
N ALA A 37 -6.18 2.22 -9.52
CA ALA A 37 -4.76 2.46 -9.83
C ALA A 37 -4.60 3.37 -11.02
N GLU A 38 -5.47 3.19 -12.02
CA GLU A 38 -5.44 4.03 -13.24
C GLU A 38 -5.77 5.48 -12.84
N LYS A 39 -6.80 5.66 -11.99
CA LYS A 39 -7.20 6.97 -11.51
C LYS A 39 -6.11 7.59 -10.65
N ALA A 40 -5.44 6.79 -9.82
CA ALA A 40 -4.40 7.31 -8.93
C ALA A 40 -3.19 7.79 -9.72
N MET A 41 -2.74 6.97 -10.67
CA MET A 41 -1.54 7.35 -11.45
C MET A 41 -1.82 8.55 -12.35
N LYS A 42 -2.99 8.57 -13.00
CA LYS A 42 -3.31 9.69 -13.89
C LYS A 42 -3.45 10.99 -13.12
N GLU A 43 -3.84 10.90 -11.87
CA GLU A 43 -3.95 12.14 -11.06
C GLU A 43 -2.56 12.67 -10.73
N TYR A 44 -1.53 11.90 -10.98
CA TYR A 44 -0.16 12.36 -10.81
C TYR A 44 0.62 12.33 -12.12
N GLY A 45 -0.07 12.40 -13.25
CA GLY A 45 0.55 12.59 -14.54
C GLY A 45 1.11 11.34 -15.20
N GLU A 46 1.11 10.20 -14.53
CA GLU A 46 1.63 8.97 -15.12
C GLU A 46 0.55 8.25 -15.90
N ASP A 47 0.97 7.47 -16.89
CA ASP A 47 0.07 6.71 -17.74
C ASP A 47 0.27 5.23 -17.49
N PRO A 48 -0.77 4.49 -17.11
CA PRO A 48 -0.60 3.05 -16.83
C PRO A 48 -0.04 2.26 -18.00
N LYS A 49 -0.25 2.70 -19.24
CA LYS A 49 0.17 1.94 -20.40
C LYS A 49 1.65 2.08 -20.72
N ILE A 50 2.34 3.05 -20.11
CA ILE A 50 3.78 3.22 -20.29
C ILE A 50 4.54 2.82 -19.03
N GLU A 51 4.30 3.51 -17.92
CA GLU A 51 4.89 3.14 -16.63
C GLU A 51 4.12 1.93 -16.08
N THR A 52 4.30 0.80 -16.75
CA THR A 52 3.50 -0.38 -16.47
C THR A 52 3.91 -1.08 -15.18
N ASN A 53 5.18 -1.01 -14.80
CA ASN A 53 5.58 -1.62 -13.54
C ASN A 53 5.23 -0.75 -12.35
N LYS A 54 5.16 0.57 -12.55
CA LYS A 54 4.50 1.41 -11.56
C LYS A 54 3.01 1.10 -11.51
N PHE A 55 2.42 0.74 -12.65
CA PHE A 55 1.03 0.29 -12.69
C PHE A 55 0.83 -0.95 -11.82
N ALA A 56 1.72 -1.93 -11.92
CA ALA A 56 1.61 -3.11 -11.08
C ALA A 56 1.87 -2.78 -9.61
N ALA A 57 2.75 -1.80 -9.35
CA ALA A 57 3.08 -1.48 -7.97
C ALA A 57 1.89 -0.86 -7.23
N ILE A 58 1.25 0.12 -7.85
CA ILE A 58 0.10 0.77 -7.20
C ILE A 58 -1.05 -0.20 -7.07
N CYS A 59 -1.24 -1.10 -8.04
CA CYS A 59 -2.24 -2.16 -7.89
C CYS A 59 -1.92 -3.05 -6.69
N THR A 60 -0.67 -3.51 -6.60
CA THR A 60 -0.25 -4.33 -5.48
C THR A 60 -0.41 -3.58 -4.16
N HIS A 61 0.03 -2.32 -4.13
CA HIS A 61 -0.13 -1.51 -2.92
C HIS A 61 -1.59 -1.32 -2.57
N LEU A 62 -2.46 -1.16 -3.58
CA LEU A 62 -3.88 -0.98 -3.32
C LEU A 62 -4.50 -2.24 -2.74
N GLU A 63 -4.15 -3.41 -3.28
CA GLU A 63 -4.71 -4.65 -2.76
C GLU A 63 -4.24 -4.91 -1.33
N VAL A 64 -2.99 -4.59 -1.03
CA VAL A 64 -2.45 -4.86 0.30
C VAL A 64 -3.20 -4.06 1.35
N CYS A 65 -3.42 -2.76 1.09
CA CYS A 65 -4.16 -1.93 2.03
C CYS A 65 -5.61 -2.39 2.16
N PHE A 66 -6.20 -2.84 1.06
CA PHE A 66 -7.58 -3.33 1.11
C PHE A 66 -7.68 -4.58 1.97
N MET A 67 -6.74 -5.51 1.81
CA MET A 67 -6.69 -6.68 2.68
C MET A 67 -6.39 -6.27 4.12
N TYR A 68 -5.57 -5.24 4.29
CA TYR A 68 -5.17 -4.81 5.63
C TYR A 68 -6.36 -4.33 6.45
N SER A 69 -7.17 -3.44 5.87
CA SER A 69 -8.33 -2.94 6.59
C SER A 69 -9.41 -4.00 6.71
N ASP A 70 -9.45 -4.95 5.78
CA ASP A 70 -10.32 -6.11 5.93
C ASP A 70 -9.87 -7.03 7.06
N GLY A 71 -8.64 -6.86 7.56
CA GLY A 71 -8.14 -7.70 8.63
C GLY A 71 -8.67 -7.39 10.01
N GLY A 72 -9.35 -6.26 10.18
CA GLY A 72 -9.87 -5.84 11.47
C GLY A 72 -11.29 -6.30 11.73
N SER A 73 -11.98 -5.55 12.58
CA SER A 73 -13.36 -5.86 12.94
C SER A 73 -14.31 -5.53 11.80
N LYS A 74 -15.29 -4.67 12.07
CA LYS A 74 -16.20 -4.18 11.05
C LYS A 74 -15.79 -2.81 10.51
N HIS A 75 -15.48 -1.87 11.40
CA HIS A 75 -15.11 -0.51 11.00
C HIS A 75 -13.94 -0.02 11.86
N ARG A 76 -12.91 -0.86 11.98
CA ARG A 76 -11.71 -0.43 12.70
C ARG A 76 -10.92 0.60 11.90
N PHE A 77 -10.92 0.49 10.57
CA PHE A 77 -10.04 1.27 9.72
C PHE A 77 -10.83 2.21 8.83
N GLU A 78 -10.34 3.43 8.69
CA GLU A 78 -10.77 4.35 7.64
C GLU A 78 -9.74 4.30 6.52
N ILE A 79 -10.18 3.92 5.34
CA ILE A 79 -9.28 3.76 4.20
C ILE A 79 -8.99 5.13 3.61
N ILE A 80 -7.73 5.55 3.67
CA ILE A 80 -7.31 6.80 3.06
C ILE A 80 -6.93 6.60 1.60
N GLU A 81 -6.22 5.50 1.33
CA GLU A 81 -5.78 5.17 -0.04
C GLU A 81 -7.01 4.80 -0.89
N GLY A 82 -6.94 5.06 -2.20
CA GLY A 82 -8.04 4.80 -3.09
C GLY A 82 -9.00 5.95 -3.29
N ARG A 83 -8.72 7.11 -2.70
CA ARG A 83 -9.48 8.33 -2.94
C ARG A 83 -8.58 9.34 -3.62
N ASP A 84 -9.19 10.31 -4.30
CA ASP A 84 -8.38 11.37 -4.88
C ASP A 84 -7.87 12.28 -3.76
N ARG A 85 -6.73 12.92 -4.04
CA ARG A 85 -5.95 13.77 -3.09
C ARG A 85 -6.83 14.69 -2.21
N ILE A 86 -7.87 15.30 -2.79
CA ILE A 86 -8.66 16.28 -2.04
C ILE A 86 -9.66 15.59 -1.12
N MET A 87 -10.32 14.55 -1.62
CA MET A 87 -11.23 13.80 -0.75
C MET A 87 -10.48 13.04 0.31
N ALA A 88 -9.27 12.55 0.00
CA ALA A 88 -8.48 11.86 1.01
C ALA A 88 -8.02 12.80 2.10
N TRP A 89 -7.69 14.04 1.74
CA TRP A 89 -7.31 15.02 2.76
C TRP A 89 -8.51 15.48 3.56
N THR A 90 -9.72 15.42 2.97
CA THR A 90 -10.92 15.77 3.71
C THR A 90 -11.16 14.79 4.85
N VAL A 91 -11.07 13.49 4.58
CA VAL A 91 -11.21 12.49 5.63
C VAL A 91 -10.08 12.64 6.64
N VAL A 92 -8.87 12.93 6.17
CA VAL A 92 -7.75 13.19 7.07
C VAL A 92 -8.08 14.36 7.99
N ASN A 93 -8.61 15.44 7.41
CA ASN A 93 -9.04 16.59 8.22
C ASN A 93 -10.11 16.17 9.23
N SER A 94 -11.16 15.49 8.76
CA SER A 94 -12.24 15.11 9.65
C SER A 94 -11.75 14.17 10.76
N ILE A 95 -10.84 13.26 10.42
CA ILE A 95 -10.26 12.36 11.42
C ILE A 95 -9.47 13.17 12.45
N CYS A 96 -8.58 14.03 11.97
CA CYS A 96 -7.72 14.79 12.87
C CYS A 96 -8.54 15.68 13.78
N ASN A 97 -9.54 16.37 13.21
CA ASN A 97 -10.29 17.38 13.94
C ASN A 97 -11.53 16.82 14.63
N THR A 98 -11.60 15.50 14.79
CA THR A 98 -12.56 14.87 15.71
C THR A 98 -11.89 13.99 16.75
N THR A 99 -10.78 13.34 16.42
CA THR A 99 -10.01 12.57 17.38
C THR A 99 -8.99 13.41 18.13
N GLY A 100 -8.36 14.37 17.44
CA GLY A 100 -7.37 15.24 18.04
C GLY A 100 -5.94 14.94 17.66
N VAL A 101 -5.70 13.95 16.80
CA VAL A 101 -4.36 13.54 16.41
C VAL A 101 -3.72 14.61 15.53
N GLU A 102 -2.41 14.53 15.35
CA GLU A 102 -1.69 15.49 14.53
C GLU A 102 -1.88 15.19 13.05
N LYS A 103 -2.12 16.23 12.26
CA LYS A 103 -2.33 16.04 10.83
C LYS A 103 -1.01 15.72 10.16
N PRO A 104 -0.92 14.61 9.42
CA PRO A 104 0.38 14.20 8.88
C PRO A 104 0.84 15.11 7.74
N LYS A 105 2.15 15.11 7.53
CA LYS A 105 2.73 15.91 6.46
C LYS A 105 2.36 15.35 5.09
N PHE A 106 2.35 14.03 4.96
CA PHE A 106 1.99 13.36 3.71
C PHE A 106 0.77 12.48 3.94
N LEU A 107 0.14 12.11 2.83
CA LEU A 107 -1.09 11.33 2.90
C LEU A 107 -0.80 9.92 3.38
N PRO A 108 -1.39 9.47 4.48
CA PRO A 108 -1.25 8.07 4.87
C PRO A 108 -2.15 7.16 4.04
N ASP A 109 -2.23 5.89 4.41
CA ASP A 109 -3.09 4.94 3.69
C ASP A 109 -4.30 4.51 4.50
N LEU A 110 -4.19 4.46 5.82
CA LEU A 110 -5.28 4.04 6.68
C LEU A 110 -5.24 4.87 7.95
N TYR A 111 -6.32 4.73 8.72
CA TYR A 111 -6.43 5.34 10.07
C TYR A 111 -6.99 4.29 11.02
N ASP A 112 -6.22 3.90 12.04
CA ASP A 112 -6.65 2.88 12.98
C ASP A 112 -7.31 3.60 14.17
N TYR A 113 -8.62 3.41 14.28
CA TYR A 113 -9.46 3.99 15.37
C TYR A 113 -9.14 3.24 16.66
N LYS A 114 -9.04 1.92 16.57
CA LYS A 114 -8.75 1.11 17.76
C LYS A 114 -7.48 1.61 18.44
N GLU A 115 -6.45 1.88 17.62
CA GLU A 115 -5.11 2.32 18.12
C GLU A 115 -4.94 3.84 18.05
N ASN A 116 -5.92 4.56 17.47
CA ASN A 116 -5.88 6.02 17.37
C ASN A 116 -4.57 6.51 16.73
N ARG A 117 -4.34 6.05 15.51
CA ARG A 117 -3.13 6.43 14.77
C ARG A 117 -3.33 6.12 13.29
N PHE A 118 -2.71 6.94 12.45
CA PHE A 118 -2.69 6.68 11.03
C PHE A 118 -1.63 5.63 10.71
N ILE A 119 -1.81 4.96 9.57
CA ILE A 119 -0.89 3.93 9.12
C ILE A 119 -0.42 4.26 7.71
N GLU A 120 0.88 4.12 7.48
CA GLU A 120 1.47 4.16 6.15
C GLU A 120 1.94 2.75 5.80
N ILE A 121 1.44 2.22 4.68
CA ILE A 121 1.70 0.84 4.29
C ILE A 121 2.60 0.86 3.06
N GLY A 122 3.73 0.18 3.15
CA GLY A 122 4.69 0.11 2.06
C GLY A 122 4.89 -1.32 1.60
N VAL A 123 4.93 -1.51 0.28
CA VAL A 123 5.20 -2.80 -0.34
C VAL A 123 6.45 -2.63 -1.19
N THR A 124 7.51 -3.37 -0.84
CA THR A 124 8.83 -3.13 -1.40
C THR A 124 9.38 -4.41 -2.02
N ARG A 125 10.37 -4.21 -2.90
CA ARG A 125 11.17 -5.30 -3.45
C ARG A 125 12.63 -5.21 -2.99
N ARG A 126 12.92 -4.37 -2.01
CA ARG A 126 14.20 -4.31 -1.33
C ARG A 126 14.03 -4.92 0.07
N GLU A 127 15.05 -4.71 0.90
CA GLU A 127 15.00 -5.22 2.30
C GLU A 127 14.04 -4.34 3.10
N VAL A 128 13.18 -4.96 3.92
CA VAL A 128 12.24 -4.21 4.74
C VAL A 128 12.95 -3.16 5.57
N HIS A 129 14.25 -3.34 5.81
CA HIS A 129 15.00 -2.40 6.63
C HIS A 129 15.28 -1.11 5.86
N ILE A 130 15.71 -1.22 4.61
CA ILE A 130 15.99 -0.04 3.80
C ILE A 130 14.70 0.74 3.54
N TYR A 131 13.64 0.03 3.16
CA TYR A 131 12.40 0.71 2.79
C TYR A 131 11.76 1.42 4.00
N TYR A 132 11.73 0.74 5.16
CA TYR A 132 11.23 1.40 6.36
C TYR A 132 12.05 2.64 6.69
N LEU A 133 13.36 2.53 6.62
CA LEU A 133 14.24 3.65 7.01
C LEU A 133 13.97 4.87 6.14
N GLU A 134 13.82 4.64 4.83
CA GLU A 134 13.62 5.73 3.85
C GLU A 134 12.28 6.45 4.07
N LYS A 135 11.22 5.70 4.37
CA LYS A 135 9.90 6.31 4.55
C LYS A 135 9.76 6.89 5.95
N ALA A 136 10.35 6.22 6.95
CA ALA A 136 10.47 6.83 8.27
C ALA A 136 11.24 8.14 8.19
N ASN A 137 12.15 8.26 7.22
CA ASN A 137 12.84 9.52 7.00
C ASN A 137 11.91 10.53 6.34
N LYS A 138 11.13 10.11 5.35
CA LYS A 138 10.24 11.03 4.65
C LYS A 138 9.11 11.48 5.56
N ILE A 139 8.59 10.57 6.40
CA ILE A 139 7.48 10.92 7.29
C ILE A 139 7.93 11.94 8.32
N LYS A 140 8.99 11.62 9.07
CA LYS A 140 9.51 12.44 10.15
C LYS A 140 8.48 12.64 11.27
N SER A 141 7.23 12.98 10.91
CA SER A 141 6.17 13.08 11.92
C SER A 141 5.97 11.73 12.59
N GLU A 142 6.29 11.65 13.88
CA GLU A 142 6.43 10.36 14.55
C GLU A 142 5.11 9.66 14.81
N LYS A 143 3.98 10.40 14.79
CA LYS A 143 2.72 9.84 15.27
C LYS A 143 2.26 8.68 14.40
N THR A 144 2.23 8.86 13.09
CA THR A 144 1.64 7.88 12.20
C THR A 144 2.44 6.58 12.18
N HIS A 145 1.73 5.45 12.27
CA HIS A 145 2.36 4.14 12.28
C HIS A 145 2.88 3.76 10.90
N ILE A 146 3.90 2.91 10.88
CA ILE A 146 4.52 2.46 9.65
C ILE A 146 4.53 0.93 9.64
N HIS A 147 4.20 0.34 8.49
CA HIS A 147 4.11 -1.11 8.36
C HIS A 147 4.49 -1.49 6.94
N ILE A 148 5.55 -2.29 6.80
CA ILE A 148 6.11 -2.65 5.50
C ILE A 148 5.95 -4.15 5.29
N PHE A 149 5.58 -4.53 4.07
CA PHE A 149 5.64 -5.90 3.59
C PHE A 149 6.58 -5.96 2.41
N SER A 150 7.00 -7.18 2.05
CA SER A 150 7.86 -7.39 0.89
C SER A 150 7.45 -8.69 0.20
N PHE A 151 7.90 -8.83 -1.05
CA PHE A 151 7.54 -9.97 -1.88
C PHE A 151 8.28 -11.24 -1.49
N THR A 152 8.99 -11.26 -0.37
CA THR A 152 9.63 -12.46 0.14
C THR A 152 8.93 -13.03 1.37
N GLY A 153 7.96 -12.32 1.94
CA GLY A 153 7.28 -12.77 3.13
C GLY A 153 7.74 -12.10 4.42
N GLU A 154 8.60 -11.10 4.35
CA GLU A 154 9.10 -10.41 5.52
C GLU A 154 8.32 -9.11 5.75
N GLU A 155 8.11 -8.80 7.03
CA GLU A 155 7.34 -7.58 7.42
C GLU A 155 8.04 -6.90 8.59
N MET A 156 7.80 -5.59 8.75
CA MET A 156 8.39 -4.79 9.81
C MET A 156 7.45 -3.64 10.14
N ALA A 157 7.23 -3.40 11.43
CA ALA A 157 6.32 -2.36 11.88
C ALA A 157 6.93 -1.59 13.04
N THR A 158 6.40 -0.38 13.26
CA THR A 158 6.90 0.51 14.29
C THR A 158 6.66 -0.10 15.68
N LYS A 159 7.68 0.00 16.54
CA LYS A 159 7.65 -0.57 17.90
C LYS A 159 7.34 -2.07 17.86
N ALA A 160 7.56 -2.71 16.71
CA ALA A 160 7.15 -4.10 16.48
C ALA A 160 5.67 -4.30 16.75
N ASP A 161 4.88 -3.24 16.63
CA ASP A 161 3.43 -3.29 16.78
C ASP A 161 2.84 -3.49 15.39
N TYR A 162 2.46 -4.74 15.09
CA TYR A 162 1.99 -5.11 13.77
C TYR A 162 0.48 -4.96 13.60
N THR A 163 -0.20 -4.34 14.57
CA THR A 163 -1.60 -3.96 14.46
C THR A 163 -2.53 -5.15 14.27
N LEU A 164 -2.35 -5.91 13.19
CA LEU A 164 -3.18 -7.06 12.90
C LEU A 164 -2.60 -8.32 13.54
N ASP A 165 -3.41 -9.37 13.57
CA ASP A 165 -2.95 -10.65 14.08
C ASP A 165 -2.15 -11.39 13.02
N GLU A 166 -1.49 -12.48 13.43
CA GLU A 166 -0.57 -13.18 12.55
C GLU A 166 -1.28 -13.77 11.34
N GLU A 167 -2.54 -14.16 11.49
CA GLU A 167 -3.25 -14.79 10.38
C GLU A 167 -3.53 -13.81 9.25
N SER A 168 -3.94 -12.59 9.58
CA SER A 168 -4.24 -11.60 8.55
C SER A 168 -2.98 -11.17 7.80
N ARG A 169 -1.88 -10.96 8.53
CA ARG A 169 -0.65 -10.51 7.90
C ARG A 169 -0.04 -11.60 7.03
N ALA A 170 -0.13 -12.85 7.47
CA ALA A 170 0.39 -13.94 6.66
C ALA A 170 -0.41 -14.15 5.37
N ARG A 171 -1.66 -13.69 5.34
CA ARG A 171 -2.45 -13.77 4.08
C ARG A 171 -1.81 -12.79 3.10
N ILE A 172 -1.40 -11.62 3.59
CA ILE A 172 -0.85 -10.59 2.74
C ILE A 172 0.50 -11.02 2.18
N LYS A 173 1.33 -11.64 3.02
CA LYS A 173 2.63 -12.12 2.56
C LYS A 173 2.47 -13.18 1.49
N THR A 174 1.45 -14.03 1.63
CA THR A 174 1.22 -15.10 0.63
C THR A 174 0.79 -14.51 -0.70
N ARG A 175 -0.17 -13.58 -0.67
CA ARG A 175 -0.62 -12.93 -1.90
C ARG A 175 0.53 -12.24 -2.61
N LEU A 176 1.44 -11.63 -1.84
CA LEU A 176 2.60 -10.97 -2.45
C LEU A 176 3.51 -11.97 -3.14
N PHE A 177 3.78 -13.11 -2.48
CA PHE A 177 4.63 -14.12 -3.10
C PHE A 177 3.93 -14.78 -4.28
N THR A 178 2.60 -14.82 -4.28
CA THR A 178 1.88 -15.32 -5.44
C THR A 178 2.05 -14.40 -6.64
N ILE A 179 2.08 -13.08 -6.40
CA ILE A 179 2.24 -12.13 -7.49
C ILE A 179 3.64 -12.22 -8.07
N ARG A 180 4.66 -12.29 -7.21
CA ARG A 180 6.04 -12.41 -7.69
C ARG A 180 6.23 -13.67 -8.51
N GLN A 181 5.60 -14.78 -8.09
CA GLN A 181 5.69 -16.02 -8.84
C GLN A 181 5.06 -15.87 -10.22
N GLU A 182 3.88 -15.25 -10.29
CA GLU A 182 3.21 -15.07 -11.57
C GLU A 182 4.01 -14.15 -12.48
N MET A 183 4.64 -13.11 -11.92
CA MET A 183 5.47 -12.23 -12.71
C MET A 183 6.68 -12.96 -13.26
N ALA A 184 7.26 -13.87 -12.47
CA ALA A 184 8.48 -14.56 -12.90
C ALA A 184 8.21 -15.52 -14.04
N SER A 185 7.11 -16.27 -13.98
CA SER A 185 6.77 -17.19 -15.06
C SER A 185 6.44 -16.46 -16.35
N ARG A 186 6.13 -15.16 -16.27
CA ARG A 186 5.93 -14.33 -17.46
C ARG A 186 7.13 -13.47 -17.78
N SER A 187 8.27 -13.71 -17.12
CA SER A 187 9.56 -13.06 -17.39
C SER A 187 9.57 -11.58 -17.03
N LEU A 188 8.62 -11.10 -16.23
CA LEU A 188 8.53 -9.68 -15.91
C LEU A 188 8.94 -9.35 -14.48
N TRP A 189 9.31 -10.35 -13.67
CA TRP A 189 9.70 -10.06 -12.30
C TRP A 189 11.03 -9.32 -12.24
N ASP A 190 11.97 -9.67 -13.12
CA ASP A 190 13.31 -9.09 -13.07
C ASP A 190 13.27 -7.59 -13.27
N SER A 191 12.58 -7.13 -14.32
CA SER A 191 12.46 -5.70 -14.54
C SER A 191 11.62 -5.03 -13.46
N PHE A 192 10.63 -5.75 -12.92
CA PHE A 192 9.84 -5.20 -11.83
C PHE A 192 10.69 -4.99 -10.58
N ARG A 193 11.61 -5.92 -10.34
CA ARG A 193 12.50 -5.85 -9.15
C ARG A 193 13.41 -4.66 -9.35
N GLN A 194 14.15 -4.67 -10.44
CA GLN A 194 15.12 -3.62 -10.74
C GLN A 194 14.44 -2.44 -11.43
N SER A 195 13.48 -1.85 -10.71
CA SER A 195 12.78 -0.66 -11.18
C SER A 195 12.24 0.16 -10.02
N GLU A 196 12.35 -0.37 -8.81
CA GLU A 196 11.89 0.34 -7.63
C GLU A 196 12.98 1.26 -7.09
MN MN B . 1.63 3.35 1.54
MN MN C . -0.93 6.25 0.13
C11 U3A D . 1.95 6.46 -1.62
C12 U3A D . 1.94 5.43 -0.56
C25 U3A D . 3.57 3.03 -4.91
C29 U3A D . 3.34 9.81 -5.36
F27 U3A D . 3.80 2.37 -3.73
F28 U3A D . 3.67 2.15 -5.96
C01 U3A D . 0.32 6.66 -7.65
C03 U3A D . 2.22 7.92 -7.01
C04 U3A D . 1.41 8.59 -6.09
C05 U3A D . 1.97 9.55 -5.23
C06 U3A D . 1.09 10.33 -4.18
C07 U3A D . 0.13 9.41 -3.38
C09 U3A D . 1.07 7.72 -1.67
C14 U3A D . 2.87 4.26 -0.67
C17 U3A D . 3.79 5.16 -2.87
C19 U3A D . 4.72 5.11 -4.14
C20 U3A D . 5.65 6.09 -4.30
C21 U3A D . 6.48 6.07 -5.43
C22 U3A D . 6.35 5.05 -6.36
C23 U3A D . 5.42 4.09 -6.19
C24 U3A D . 4.59 4.10 -5.08
C30 U3A D . 4.10 9.12 -6.30
F26 U3A D . 2.34 3.56 -4.89
N08 U3A D . 0.89 8.22 -3.02
N16 U3A D . 3.79 4.13 -1.82
N18 U3A D . 2.86 6.32 -2.76
N31 U3A D . 3.53 8.20 -7.09
O02 U3A D . 1.67 6.94 -7.87
O10 U3A D . 0.57 8.22 -0.69
O13 U3A D . 1.03 5.55 0.58
O15 U3A D . 2.88 3.42 0.17
C12 QQ4 E . -16.50 1.42 -3.13
C11 QQ4 E . -15.64 1.28 -1.87
C01 QQ4 E . -14.22 0.88 -2.27
C02 QQ4 E . -14.02 -0.66 -2.32
C03 QQ4 E . -13.90 -1.44 -1.01
C04 QQ4 E . -13.09 -2.74 -1.29
C05 QQ4 E . -13.74 -4.05 -0.82
C06 QQ4 E . -14.53 -4.72 -1.95
C07 QQ4 E . -15.07 -6.09 -1.52
C08 QQ4 E . -14.52 -7.17 -2.45
C19 QQ4 E . -16.39 5.11 -4.10
C20 QQ4 E . -15.30 4.49 -4.94
C21 QQ4 E . -15.63 3.01 -4.98
C22 QQ4 E . -12.07 2.30 -2.09
C23 QQ4 E . -13.25 1.95 -0.07
C24 QQ4 E . -12.04 2.82 0.23
C25 QQ4 E . -11.70 3.41 -1.12
C26 QQ4 E . -16.45 -1.93 -1.13
C27 QQ4 E . -17.41 -2.57 -0.12
C28 QQ4 E . -16.92 -2.06 1.23
C29 QQ4 E . -15.45 -1.78 1.00
C30 QQ4 E . -11.68 -5.64 -1.18
C31 QQ4 E . -10.86 -6.53 -0.26
C32 QQ4 E . -11.78 -6.78 0.90
C33 QQ4 E . -12.57 -5.47 1.02
C42 QQ4 E . -16.80 3.99 -3.16
N02 QQ4 E . -16.32 2.73 -3.72
N03 QQ4 E . -13.25 1.65 -1.50
N04 QQ4 E . -15.20 -1.71 -0.42
N05 QQ4 E . -12.72 -5.00 -0.36
O02 QQ4 E . -14.06 1.61 0.74
O03 QQ4 E . -14.64 -1.64 1.85
O04 QQ4 E . -11.50 -5.48 -2.34
O05 QQ4 E . -17.40 4.12 -2.14
S SO4 F . -9.84 -6.00 15.99
O1 SO4 F . -8.87 -4.94 16.03
O2 SO4 F . -10.56 -6.05 17.23
O3 SO4 F . -10.76 -5.74 14.91
O4 SO4 F . -9.17 -7.25 15.77
S SO4 G . 7.87 1.82 -15.17
O1 SO4 G . 6.71 1.54 -14.34
O2 SO4 G . 9.09 1.36 -14.49
O3 SO4 G . 7.96 3.26 -15.39
O4 SO4 G . 7.74 1.13 -16.44
#